data_8XV6
#
_entry.id   8XV6
#
_cell.length_a   70.940
_cell.length_b   75.720
_cell.length_c   96.480
_cell.angle_alpha   90.00
_cell.angle_beta   90.00
_cell.angle_gamma   90.00
#
_symmetry.space_group_name_H-M   'C 2 2 21'
#
loop_
_entity.id
_entity.type
_entity.pdbx_description
1 polymer 'E3 ubiquitin-protein ligase UHRF1'
2 polymer 'Developmental pluripotency-associated protein 3'
3 non-polymer 'THIOCYANATE ION'
4 non-polymer GLYCEROL
5 non-polymer 'ZINC ION'
6 water water
#
loop_
_entity_poly.entity_id
_entity_poly.type
_entity_poly.pdbx_seq_one_letter_code
_entity_poly.pdbx_strand_id
1 'polypeptide(L)' GPLGSSGPSCKHCKDDVNRLCRVCACHLCGGRQDPDKQLMCDECDMAFHIYCLDPPLSSVPSEDEWYCPECRNDA A,C
2 'polypeptide(L)' KRRVRTLLSVLKDPIAKMRRLVRIEQRQKRLEGNE B,D
#
loop_
_chem_comp.id
_chem_comp.type
_chem_comp.name
_chem_comp.formula
GOL non-polymer GLYCEROL 'C3 H8 O3'
SCN non-polymer 'THIOCYANATE ION' 'C N S -1'
ZN non-polymer 'ZINC ION' 'Zn 2'
#
# COMPACT_ATOMS: atom_id res chain seq x y z
N GLY A 7 -21.90 0.65 -12.28
CA GLY A 7 -20.75 1.31 -12.94
C GLY A 7 -19.62 0.32 -13.21
N PRO A 8 -18.51 0.76 -13.83
CA PRO A 8 -17.43 -0.15 -14.18
C PRO A 8 -16.69 -0.63 -12.94
N SER A 9 -16.16 -1.85 -13.01
CA SER A 9 -15.46 -2.53 -11.90
C SER A 9 -14.39 -3.45 -12.51
N CYS A 10 -13.16 -3.39 -12.03
CA CYS A 10 -12.06 -4.14 -12.64
C CYS A 10 -12.29 -5.64 -12.48
N LYS A 11 -12.11 -6.40 -13.56
CA LYS A 11 -12.35 -7.87 -13.49
C LYS A 11 -11.27 -8.53 -12.64
N HIS A 12 -10.11 -7.89 -12.51
CA HIS A 12 -8.96 -8.44 -11.75
C HIS A 12 -9.14 -8.18 -10.26
N CYS A 13 -9.36 -6.93 -9.86
CA CYS A 13 -9.28 -6.54 -8.44
C CYS A 13 -10.60 -5.99 -7.87
N LYS A 14 -11.61 -5.78 -8.71
CA LYS A 14 -12.93 -5.24 -8.28
C LYS A 14 -12.74 -3.85 -7.65
N ASP A 15 -11.62 -3.19 -7.96
CA ASP A 15 -11.23 -1.87 -7.39
C ASP A 15 -11.30 -1.97 -5.87
N ASP A 16 -10.99 -3.14 -5.32
CA ASP A 16 -10.93 -3.34 -3.84
C ASP A 16 -9.56 -2.85 -3.38
N VAL A 17 -9.53 -1.84 -2.53
CA VAL A 17 -8.28 -1.17 -2.09
C VAL A 17 -7.42 -2.16 -1.27
N ASN A 18 -7.99 -3.28 -0.81
CA ASN A 18 -7.24 -4.28 -0.02
C ASN A 18 -6.55 -5.28 -0.92
N ARG A 19 -6.64 -5.07 -2.25
CA ARG A 19 -6.06 -6.01 -3.25
C ARG A 19 -5.01 -5.27 -4.07
N LEU A 20 -4.07 -6.04 -4.60
CA LEU A 20 -3.11 -5.55 -5.58
C LEU A 20 -3.74 -5.58 -6.97
N CYS A 21 -3.26 -4.67 -7.80
CA CYS A 21 -3.70 -4.68 -9.21
C CYS A 21 -2.66 -3.93 -10.06
N ARG A 22 -2.10 -4.63 -11.04
CA ARG A 22 -1.09 -4.00 -11.92
CA ARG A 22 -1.08 -4.01 -11.93
C ARG A 22 -1.77 -3.34 -13.13
N VAL A 23 -3.11 -3.36 -13.19
CA VAL A 23 -3.82 -2.51 -14.16
C VAL A 23 -4.30 -1.23 -13.46
N CYS A 24 -4.92 -1.33 -12.29
CA CYS A 24 -5.51 -0.13 -11.65
C CYS A 24 -4.45 0.63 -10.82
N ALA A 25 -3.46 -0.08 -10.28
CA ALA A 25 -2.43 0.52 -9.44
C ALA A 25 -1.05 0.24 -10.03
N CYS A 26 0.00 0.25 -9.22
CA CYS A 26 1.33 0.25 -9.83
C CYS A 26 1.50 -0.95 -10.78
N HIS A 27 1.95 -0.72 -12.01
CA HIS A 27 2.01 -1.79 -13.03
C HIS A 27 3.10 -2.81 -12.73
N LEU A 28 4.06 -2.40 -11.88
CA LEU A 28 5.24 -3.22 -11.53
C LEU A 28 4.98 -4.00 -10.21
N CYS A 29 4.41 -3.40 -9.18
CA CYS A 29 4.22 -4.10 -7.88
C CYS A 29 2.76 -4.30 -7.54
N GLY A 30 1.84 -3.67 -8.23
CA GLY A 30 0.38 -3.77 -8.03
C GLY A 30 -0.09 -3.04 -6.77
N GLY A 31 0.79 -2.30 -6.13
CA GLY A 31 0.39 -1.59 -4.89
C GLY A 31 -0.28 -0.25 -5.14
N ARG A 32 -1.15 0.09 -4.19
CA ARG A 32 -1.86 1.35 -4.15
C ARG A 32 -1.15 2.39 -3.27
N GLN A 33 -0.03 1.99 -2.63
CA GLN A 33 0.66 2.90 -1.72
C GLN A 33 1.28 4.07 -2.47
N ASP A 34 1.46 5.18 -1.74
CA ASP A 34 2.15 6.36 -2.27
C ASP A 34 1.61 6.73 -3.65
N PRO A 35 0.28 6.95 -3.84
CA PRO A 35 -0.23 7.27 -5.16
C PRO A 35 0.33 8.57 -5.72
N ASP A 36 0.85 9.46 -4.86
CA ASP A 36 1.49 10.71 -5.29
C ASP A 36 2.88 10.49 -5.88
N LYS A 37 3.40 9.25 -5.79
CA LYS A 37 4.67 8.89 -6.38
C LYS A 37 4.51 7.87 -7.50
N GLN A 38 3.27 7.65 -7.95
CA GLN A 38 3.04 6.78 -9.09
C GLN A 38 2.80 7.67 -10.33
N LEU A 39 3.71 7.59 -11.28
CA LEU A 39 3.61 8.32 -12.55
C LEU A 39 2.58 7.64 -13.44
N MET A 40 1.76 8.45 -14.15
CA MET A 40 0.87 7.91 -15.15
C MET A 40 1.51 8.04 -16.52
N CYS A 41 1.59 6.92 -17.22
CA CYS A 41 2.06 6.96 -18.61
C CYS A 41 1.04 7.65 -19.47
N ASP A 42 1.50 8.61 -20.33
CA ASP A 42 0.58 9.35 -21.18
C ASP A 42 0.20 8.60 -22.46
N GLU A 43 0.79 7.40 -22.69
CA GLU A 43 0.34 6.52 -23.75
C GLU A 43 -0.58 5.42 -23.19
N CYS A 44 -0.11 4.57 -22.27
CA CYS A 44 -0.84 3.36 -21.92
C CYS A 44 -1.67 3.54 -20.65
N ASP A 45 -1.48 4.66 -19.95
CA ASP A 45 -2.24 5.02 -18.77
C ASP A 45 -2.06 4.02 -17.65
N MET A 46 -0.94 3.30 -17.66
CA MET A 46 -0.52 2.52 -16.51
C MET A 46 0.24 3.45 -15.54
N ALA A 47 0.18 3.03 -14.27
CA ALA A 47 0.79 3.76 -13.16
C ALA A 47 2.09 3.08 -12.75
N PHE A 48 3.10 3.86 -12.34
CA PHE A 48 4.41 3.32 -12.00
C PHE A 48 5.01 4.05 -10.81
N HIS A 49 5.25 3.35 -9.67
CA HIS A 49 6.01 3.99 -8.61
C HIS A 49 7.37 4.43 -9.12
N ILE A 50 7.79 5.63 -8.72
CA ILE A 50 9.11 6.13 -9.10
C ILE A 50 10.19 5.17 -8.62
N TYR A 51 9.97 4.48 -7.48
CA TYR A 51 10.95 3.59 -6.91
C TYR A 51 10.80 2.13 -7.38
N CYS A 52 9.79 1.84 -8.23
CA CYS A 52 9.62 0.53 -8.87
C CYS A 52 10.34 0.52 -10.22
N LEU A 53 10.49 1.68 -10.85
CA LEU A 53 11.19 1.77 -12.10
C LEU A 53 12.67 1.39 -11.88
N ASP A 54 13.30 0.88 -12.94
CA ASP A 54 14.68 0.45 -12.90
C ASP A 54 15.40 1.06 -14.10
N PRO A 55 16.29 2.05 -13.90
CA PRO A 55 16.62 2.55 -12.57
C PRO A 55 15.50 3.41 -11.97
N PRO A 56 15.49 3.57 -10.65
CA PRO A 56 14.45 4.35 -9.98
C PRO A 56 14.65 5.85 -10.10
N LEU A 57 13.54 6.58 -9.99
CA LEU A 57 13.55 8.04 -10.02
C LEU A 57 13.45 8.54 -8.58
N SER A 58 14.19 9.62 -8.26
CA SER A 58 14.18 10.14 -6.91
C SER A 58 13.00 11.11 -6.69
N SER A 59 12.37 11.58 -7.77
CA SER A 59 11.22 12.45 -7.63
C SER A 59 10.35 12.36 -8.88
N VAL A 60 9.15 12.93 -8.80
CA VAL A 60 8.26 13.00 -9.94
C VAL A 60 8.85 14.00 -10.94
N PRO A 61 9.09 13.63 -12.22
CA PRO A 61 9.65 14.59 -13.18
C PRO A 61 8.84 15.87 -13.33
N SER A 62 9.55 16.96 -13.52
CA SER A 62 8.97 18.25 -13.88
C SER A 62 8.86 18.36 -15.39
N GLU A 63 7.89 17.64 -15.96
CA GLU A 63 7.74 17.52 -17.40
C GLU A 63 6.27 17.59 -17.75
N ASP A 64 5.95 17.95 -18.98
CA ASP A 64 4.57 18.08 -19.40
C ASP A 64 3.90 16.72 -19.50
N GLU A 65 4.66 15.71 -19.93
CA GLU A 65 4.15 14.37 -20.16
C GLU A 65 5.27 13.42 -19.79
N TRP A 66 4.92 12.17 -19.54
CA TRP A 66 5.88 11.12 -19.26
C TRP A 66 5.40 9.83 -19.92
N TYR A 67 6.34 9.03 -20.43
CA TYR A 67 6.07 7.79 -21.11
C TYR A 67 6.91 6.68 -20.46
N CYS A 68 6.24 5.55 -20.23
CA CYS A 68 6.82 4.45 -19.48
C CYS A 68 7.81 3.66 -20.32
N PRO A 69 8.71 2.86 -19.69
CA PRO A 69 9.69 2.08 -20.44
C PRO A 69 9.12 1.16 -21.50
N GLU A 70 7.91 0.64 -21.24
CA GLU A 70 7.28 -0.23 -22.21
C GLU A 70 6.88 0.54 -23.46
N CYS A 71 6.21 1.70 -23.27
CA CYS A 71 5.80 2.51 -24.42
C CYS A 71 7.00 3.13 -25.14
N ARG A 72 8.08 3.40 -24.41
CA ARG A 72 9.31 3.88 -25.06
C ARG A 72 10.06 2.77 -25.79
N ASN A 73 9.70 1.51 -25.50
CA ASN A 73 10.38 0.34 -26.01
C ASN A 73 11.85 0.46 -25.61
N ASP A 74 12.03 0.76 -24.31
CA ASP A 74 13.29 0.88 -23.58
C ASP A 74 13.07 1.75 -22.34
N ARG B 3 5.64 17.53 -12.65
CA ARG B 3 4.36 18.04 -13.24
C ARG B 3 3.68 16.97 -14.10
N VAL B 4 4.29 15.79 -14.22
CA VAL B 4 3.60 14.66 -14.81
C VAL B 4 2.36 14.29 -13.98
N ARG B 5 1.35 13.61 -14.54
CA ARG B 5 0.18 13.18 -13.78
C ARG B 5 0.57 12.00 -12.86
N THR B 6 0.09 12.07 -11.61
CA THR B 6 0.20 10.93 -10.69
C THR B 6 -1.11 10.19 -10.54
N LEU B 7 -1.00 8.98 -9.97
CA LEU B 7 -2.22 8.23 -9.71
C LEU B 7 -3.11 9.03 -8.75
N LEU B 8 -2.50 9.68 -7.76
CA LEU B 8 -3.28 10.47 -6.81
C LEU B 8 -4.05 11.58 -7.55
N SER B 9 -3.41 12.25 -8.51
CA SER B 9 -4.12 13.29 -9.27
C SER B 9 -5.34 12.73 -9.97
N VAL B 10 -5.27 11.48 -10.45
CA VAL B 10 -6.40 10.84 -11.09
C VAL B 10 -7.50 10.53 -10.09
N LEU B 11 -7.10 9.91 -8.95
CA LEU B 11 -8.04 9.44 -7.95
C LEU B 11 -8.84 10.58 -7.33
N LYS B 12 -8.21 11.76 -7.22
CA LYS B 12 -8.86 12.90 -6.58
C LYS B 12 -9.80 13.62 -7.55
N ASP B 13 -9.69 13.35 -8.85
CA ASP B 13 -10.53 13.99 -9.86
C ASP B 13 -11.62 13.02 -10.32
N PRO B 14 -12.89 13.19 -9.93
CA PRO B 14 -13.96 12.25 -10.31
C PRO B 14 -14.10 11.98 -11.81
N ILE B 15 -13.83 13.00 -12.63
CA ILE B 15 -13.98 12.87 -14.07
C ILE B 15 -12.82 12.05 -14.62
N ALA B 16 -11.59 12.41 -14.22
CA ALA B 16 -10.40 11.67 -14.61
C ALA B 16 -10.52 10.22 -14.15
N LYS B 17 -10.99 10.03 -12.92
CA LYS B 17 -11.14 8.69 -12.37
C LYS B 17 -12.16 7.89 -13.21
N MET B 18 -13.31 8.50 -13.54
CA MET B 18 -14.30 7.80 -14.32
C MET B 18 -13.75 7.49 -15.71
N ARG B 19 -12.99 8.41 -16.30
CA ARG B 19 -12.43 8.20 -17.62
C ARG B 19 -11.52 6.97 -17.58
N ARG B 20 -10.79 6.83 -16.47
CA ARG B 20 -9.82 5.75 -16.37
C ARG B 20 -10.56 4.43 -16.20
N LEU B 21 -11.60 4.42 -15.36
CA LEU B 21 -12.43 3.24 -15.18
C LEU B 21 -13.05 2.77 -16.51
N VAL B 22 -13.64 3.71 -17.26
CA VAL B 22 -14.25 3.38 -18.54
C VAL B 22 -13.24 2.76 -19.51
N ARG B 23 -12.02 3.29 -19.53
CA ARG B 23 -10.97 2.78 -20.42
C ARG B 23 -10.53 1.38 -19.99
N ILE B 24 -10.46 1.13 -18.68
CA ILE B 24 -10.03 -0.18 -18.22
C ILE B 24 -11.13 -1.19 -18.56
N GLU B 25 -12.38 -0.81 -18.33
CA GLU B 25 -13.49 -1.73 -18.56
C GLU B 25 -13.50 -2.11 -20.04
N GLN B 26 -13.30 -1.10 -20.91
CA GLN B 26 -13.34 -1.33 -22.34
C GLN B 26 -12.24 -2.31 -22.76
N ARG B 27 -11.04 -2.09 -22.22
CA ARG B 27 -9.91 -2.95 -22.53
C ARG B 27 -10.21 -4.37 -22.07
N GLN B 28 -10.78 -4.54 -20.87
CA GLN B 28 -11.03 -5.87 -20.33
C GLN B 28 -12.12 -6.62 -21.10
N LYS B 29 -12.97 -5.88 -21.81
CA LYS B 29 -13.88 -6.49 -22.77
C LYS B 29 -13.06 -7.07 -23.95
N GLY C 7 18.88 -4.47 24.32
CA GLY C 7 18.15 -4.65 23.05
C GLY C 7 17.04 -3.61 22.91
N PRO C 8 16.42 -3.47 21.71
CA PRO C 8 15.44 -2.42 21.46
C PRO C 8 14.20 -2.56 22.34
N SER C 9 13.63 -1.41 22.73
CA SER C 9 12.45 -1.33 23.58
C SER C 9 11.66 -0.07 23.20
N CYS C 10 10.34 -0.23 23.01
CA CYS C 10 9.49 0.86 22.54
C CYS C 10 9.41 1.94 23.60
N LYS C 11 9.68 3.19 23.21
CA LYS C 11 9.64 4.30 24.14
C LYS C 11 8.21 4.54 24.67
N HIS C 12 7.20 4.10 23.89
CA HIS C 12 5.81 4.39 24.24
C HIS C 12 5.26 3.37 25.23
N CYS C 13 5.52 2.07 24.98
CA CYS C 13 4.86 1.01 25.71
C CYS C 13 5.83 0.07 26.43
N LYS C 14 7.13 0.24 26.20
CA LYS C 14 8.17 -0.63 26.75
C LYS C 14 7.96 -2.10 26.36
N ASP C 15 7.18 -2.34 25.31
CA ASP C 15 6.78 -3.67 24.84
C ASP C 15 6.13 -4.48 25.96
N ASP C 16 5.47 -3.78 26.87
CA ASP C 16 4.70 -4.40 27.94
C ASP C 16 3.36 -4.87 27.37
N VAL C 17 3.14 -6.19 27.43
CA VAL C 17 1.95 -6.78 26.87
C VAL C 17 0.67 -6.31 27.59
N ASN C 18 0.79 -5.73 28.79
CA ASN C 18 -0.37 -5.26 29.53
C ASN C 18 -0.75 -3.84 29.17
N ARG C 19 -0.09 -3.29 28.14
CA ARG C 19 -0.32 -1.92 27.74
C ARG C 19 -0.83 -1.87 26.30
N LEU C 20 -1.49 -0.77 25.95
CA LEU C 20 -1.84 -0.50 24.56
C LEU C 20 -0.68 0.21 23.87
N CYS C 21 -0.57 -0.03 22.55
CA CYS C 21 0.43 0.68 21.78
C CYS C 21 0.02 0.69 20.30
N ARG C 22 -0.08 1.92 19.75
CA ARG C 22 -0.48 2.07 18.35
C ARG C 22 0.74 2.07 17.43
N VAL C 23 1.94 1.90 17.98
CA VAL C 23 3.10 1.61 17.14
C VAL C 23 3.34 0.11 17.08
N CYS C 24 3.34 -0.56 18.22
CA CYS C 24 3.72 -1.97 18.28
C CYS C 24 2.57 -2.90 17.96
N ALA C 25 1.35 -2.46 18.28
CA ALA C 25 0.16 -3.26 18.06
C ALA C 25 -0.83 -2.45 17.24
N CYS C 26 -2.12 -2.75 17.32
CA CYS C 26 -3.02 -2.20 16.31
C CYS C 26 -2.88 -0.68 16.30
N HIS C 27 -2.68 -0.10 15.10
CA HIS C 27 -2.41 1.31 14.98
C HIS C 27 -3.64 2.17 15.27
N LEU C 28 -4.82 1.54 15.21
CA LEU C 28 -6.08 2.20 15.45
C LEU C 28 -6.48 2.08 16.93
N CYS C 29 -6.48 0.88 17.53
CA CYS C 29 -6.99 0.72 18.89
C CYS C 29 -5.89 0.47 19.91
N GLY C 30 -4.67 0.14 19.46
CA GLY C 30 -3.54 -0.09 20.35
C GLY C 30 -3.54 -1.49 20.93
N GLY C 31 -4.55 -2.30 20.63
CA GLY C 31 -4.69 -3.61 21.25
C GLY C 31 -3.80 -4.68 20.62
N ARG C 32 -3.37 -5.60 21.49
CA ARG C 32 -2.57 -6.74 21.10
C ARG C 32 -3.40 -8.02 20.90
N GLN C 33 -4.73 -7.93 21.01
CA GLN C 33 -5.60 -9.08 20.86
C GLN C 33 -5.67 -9.48 19.39
N ASP C 34 -5.94 -10.77 19.19
CA ASP C 34 -6.18 -11.32 17.86
C ASP C 34 -5.07 -10.93 16.91
N PRO C 35 -3.79 -11.23 17.24
CA PRO C 35 -2.70 -10.84 16.34
C PRO C 35 -2.77 -11.52 14.98
N ASP C 36 -3.47 -12.65 14.88
CA ASP C 36 -3.72 -13.33 13.62
C ASP C 36 -4.68 -12.55 12.71
N LYS C 37 -5.34 -11.52 13.24
CA LYS C 37 -6.29 -10.72 12.48
C LYS C 37 -5.79 -9.29 12.32
N GLN C 38 -4.51 -9.05 12.63
CA GLN C 38 -3.90 -7.75 12.45
C GLN C 38 -3.01 -7.81 11.20
N LEU C 39 -3.36 -7.00 10.20
CA LEU C 39 -2.62 -6.95 8.93
C LEU C 39 -1.43 -6.01 9.10
N MET C 40 -0.28 -6.41 8.56
CA MET C 40 0.88 -5.55 8.57
C MET C 40 0.98 -4.81 7.23
N CYS C 41 1.04 -3.49 7.31
CA CYS C 41 1.26 -2.66 6.13
C CYS C 41 2.65 -2.91 5.56
N ASP C 42 2.73 -3.17 4.24
CA ASP C 42 4.02 -3.46 3.60
C ASP C 42 4.79 -2.19 3.24
N GLU C 43 4.28 -1.00 3.59
CA GLU C 43 5.08 0.21 3.54
C GLU C 43 5.49 0.67 4.94
N CYS C 44 4.53 0.98 5.83
CA CYS C 44 4.86 1.61 7.11
C CYS C 44 5.04 0.59 8.26
N ASP C 45 4.69 -0.67 8.03
CA ASP C 45 4.85 -1.76 9.00
C ASP C 45 4.02 -1.55 10.26
N MET C 46 2.98 -0.73 10.17
CA MET C 46 1.98 -0.68 11.21
C MET C 46 0.99 -1.85 11.04
N ALA C 47 0.43 -2.25 12.19
CA ALA C 47 -0.54 -3.34 12.30
C ALA C 47 -1.95 -2.79 12.35
N PHE C 48 -2.93 -3.53 11.81
CA PHE C 48 -4.32 -3.05 11.76
C PHE C 48 -5.27 -4.23 11.91
N HIS C 49 -6.06 -4.25 12.99
CA HIS C 49 -7.11 -5.26 13.07
C HIS C 49 -8.05 -5.14 11.88
N ILE C 50 -8.43 -6.27 11.29
CA ILE C 50 -9.37 -6.24 10.17
C ILE C 50 -10.66 -5.56 10.59
N TYR C 51 -11.07 -5.68 11.86
CA TYR C 51 -12.32 -5.10 12.32
C TYR C 51 -12.18 -3.66 12.84
N CYS C 52 -10.95 -3.13 12.89
CA CYS C 52 -10.76 -1.72 13.20
C CYS C 52 -10.76 -0.83 11.96
N LEU C 53 -10.36 -1.38 10.83
CA LEU C 53 -10.40 -0.66 9.57
C LEU C 53 -11.85 -0.26 9.24
N ASP C 54 -11.99 0.87 8.57
CA ASP C 54 -13.31 1.40 8.27
C ASP C 54 -13.33 1.72 6.79
N PRO C 55 -14.02 0.93 5.94
CA PRO C 55 -14.85 -0.18 6.39
C PRO C 55 -14.08 -1.43 6.77
N PRO C 56 -14.67 -2.30 7.63
CA PRO C 56 -13.92 -3.46 8.11
C PRO C 56 -13.76 -4.56 7.08
N LEU C 57 -12.75 -5.41 7.30
CA LEU C 57 -12.56 -6.58 6.47
C LEU C 57 -13.08 -7.80 7.21
N SER C 58 -13.72 -8.70 6.46
CA SER C 58 -14.22 -9.92 7.05
C SER C 58 -13.14 -11.00 7.14
N SER C 59 -12.01 -10.88 6.44
CA SER C 59 -10.94 -11.86 6.59
C SER C 59 -9.61 -11.26 6.16
N VAL C 60 -8.51 -11.98 6.43
CA VAL C 60 -7.19 -11.55 6.01
C VAL C 60 -7.13 -11.69 4.49
N PRO C 61 -6.81 -10.64 3.70
CA PRO C 61 -6.74 -10.76 2.24
C PRO C 61 -5.75 -11.83 1.78
N SER C 62 -6.12 -12.49 0.69
CA SER C 62 -5.28 -13.44 0.00
C SER C 62 -4.48 -12.70 -1.06
N GLU C 63 -3.48 -11.93 -0.61
CA GLU C 63 -2.71 -11.06 -1.49
C GLU C 63 -1.23 -11.18 -1.16
N ASP C 64 -0.38 -10.78 -2.09
CA ASP C 64 1.07 -10.83 -1.87
C ASP C 64 1.52 -9.77 -0.88
N GLU C 65 0.85 -8.61 -0.89
CA GLU C 65 1.22 -7.48 -0.07
C GLU C 65 -0.09 -6.76 0.25
N TRP C 66 -0.09 -5.94 1.30
CA TRP C 66 -1.23 -5.11 1.67
C TRP C 66 -0.71 -3.77 2.17
N TYR C 67 -1.41 -2.68 1.80
CA TYR C 67 -1.02 -1.34 2.17
C TYR C 67 -2.20 -0.66 2.85
N CYS C 68 -1.88 0.02 3.97
CA CYS C 68 -2.87 0.58 4.84
C CYS C 68 -3.49 1.84 4.28
N PRO C 69 -4.64 2.28 4.82
CA PRO C 69 -5.31 3.47 4.35
C PRO C 69 -4.44 4.74 4.37
N GLU C 70 -3.54 4.82 5.35
CA GLU C 70 -2.68 6.00 5.40
C GLU C 70 -1.69 5.96 4.23
N CYS C 71 -1.06 4.81 4.00
CA CYS C 71 -0.07 4.71 2.93
C CYS C 71 -0.73 4.82 1.56
N ARG C 72 -1.98 4.35 1.44
CA ARG C 72 -2.73 4.54 0.20
C ARG C 72 -3.34 5.94 0.01
N ASN C 73 -3.30 6.76 1.05
CA ASN C 73 -3.86 8.08 1.06
C ASN C 73 -5.33 8.02 0.66
N ASP C 74 -6.10 7.14 1.30
CA ASP C 74 -7.52 7.05 1.01
C ASP C 74 -8.17 8.41 1.28
N ARG D 3 3.00 -13.17 0.75
CA ARG D 3 1.62 -13.27 1.28
C ARG D 3 1.43 -12.22 2.36
N VAL D 4 0.15 -11.90 2.69
CA VAL D 4 -0.18 -10.80 3.60
C VAL D 4 0.22 -11.20 5.00
N ARG D 5 1.10 -10.41 5.60
CA ARG D 5 1.65 -10.71 6.89
C ARG D 5 0.66 -10.24 7.96
N THR D 6 0.57 -11.06 9.00
CA THR D 6 -0.14 -10.69 10.21
C THR D 6 0.84 -10.39 11.34
N LEU D 7 0.32 -9.70 12.36
CA LEU D 7 1.15 -9.44 13.54
C LEU D 7 1.60 -10.78 14.15
N LEU D 8 0.70 -11.76 14.17
CA LEU D 8 1.08 -13.07 14.70
C LEU D 8 2.24 -13.65 13.91
N SER D 9 2.22 -13.49 12.57
CA SER D 9 3.29 -14.06 11.79
C SER D 9 4.64 -13.43 12.16
N VAL D 10 4.66 -12.12 12.48
CA VAL D 10 5.86 -11.45 12.92
C VAL D 10 6.29 -11.92 14.31
N LEU D 11 5.36 -11.93 15.26
CA LEU D 11 5.68 -12.27 16.64
C LEU D 11 6.19 -13.69 16.77
N LYS D 12 5.67 -14.61 15.97
CA LYS D 12 6.07 -16.01 16.13
C LYS D 12 7.38 -16.31 15.41
N ASP D 13 7.90 -15.37 14.64
CA ASP D 13 9.13 -15.57 13.89
C ASP D 13 10.21 -14.72 14.52
N PRO D 14 11.14 -15.30 15.31
CA PRO D 14 12.15 -14.51 16.03
C PRO D 14 12.92 -13.53 15.17
N ILE D 15 13.19 -13.90 13.90
CA ILE D 15 13.92 -13.04 12.99
C ILE D 15 13.06 -11.85 12.58
N ALA D 16 11.82 -12.11 12.17
CA ALA D 16 10.91 -11.07 11.74
C ALA D 16 10.64 -10.11 12.91
N LYS D 17 10.48 -10.67 14.11
CA LYS D 17 10.23 -9.87 15.30
C LYS D 17 11.40 -8.92 15.56
N MET D 18 12.64 -9.44 15.53
CA MET D 18 13.78 -8.59 15.81
C MET D 18 13.89 -7.48 14.75
N ARG D 19 13.58 -7.78 13.49
CA ARG D 19 13.70 -6.79 12.42
C ARG D 19 12.72 -5.64 12.66
N ARG D 20 11.53 -5.99 13.11
CA ARG D 20 10.48 -5.01 13.42
C ARG D 20 10.91 -4.12 14.59
N LEU D 21 11.43 -4.72 15.67
CA LEU D 21 11.93 -3.97 16.81
C LEU D 21 13.00 -2.98 16.35
N VAL D 22 13.93 -3.47 15.53
CA VAL D 22 15.03 -2.60 15.14
C VAL D 22 14.50 -1.43 14.32
N ARG D 23 13.50 -1.68 13.45
CA ARG D 23 12.91 -0.63 12.65
C ARG D 23 12.22 0.41 13.54
N ILE D 24 11.44 -0.06 14.53
CA ILE D 24 10.71 0.86 15.40
C ILE D 24 11.70 1.72 16.18
N GLU D 25 12.73 1.09 16.74
CA GLU D 25 13.75 1.80 17.49
C GLU D 25 14.37 2.90 16.63
N GLN D 26 14.72 2.55 15.38
CA GLN D 26 15.31 3.53 14.49
C GLN D 26 14.36 4.72 14.30
N ARG D 27 13.07 4.43 14.07
CA ARG D 27 12.09 5.48 13.81
C ARG D 27 11.92 6.33 15.07
N GLN D 28 11.99 5.72 16.25
CA GLN D 28 11.82 6.46 17.49
C GLN D 28 13.02 7.33 17.86
N LYS D 29 14.21 6.93 17.41
CA LYS D 29 15.37 7.81 17.51
C LYS D 29 15.24 8.89 16.42
S SCN E . -13.14 -1.11 -14.74
C SCN E . -11.96 -0.69 -13.78
N SCN E . -11.14 -0.43 -13.06
S SCN F . -0.21 -5.79 -21.36
C SCN F . 1.11 -5.16 -20.62
N SCN F . 2.00 -4.70 -20.01
S SCN G . -8.45 4.42 -11.42
C SCN G . -8.84 2.86 -11.42
N SCN G . -9.15 1.76 -11.49
C1 GOL H . -3.53 -7.17 -13.18
O1 GOL H . -3.69 -7.54 -14.54
C2 GOL H . -2.80 -8.27 -12.44
O2 GOL H . -1.94 -8.99 -13.35
C3 GOL H . -2.01 -7.77 -11.24
O3 GOL H . -1.06 -8.78 -10.89
ZN ZN I . -7.81 -3.68 -11.02
ZN ZN J . -9.81 -0.13 -11.57
ZN ZN K . 5.22 -0.26 -7.49
ZN ZN L . 3.16 3.22 -21.18
ZN ZN M . 3.42 -4.00 -18.92
S SCN N . 11.73 -0.65 19.82
C SCN N . 10.28 -1.30 19.76
N SCN N . 9.24 -1.81 19.80
S SCN O . 0.30 8.11 12.03
C SCN O . 1.60 8.83 12.34
N SCN O . 2.55 9.26 12.55
ZN ZN P . 7.54 -2.71 20.18
ZN ZN Q . 5.06 0.21 21.70
ZN ZN R . -7.57 -2.53 16.58
ZN ZN S . 0.95 1.93 5.96
ZN ZN T . -1.59 6.76 11.75
S SCN U . 6.95 -6.33 17.18
C SCN U . 7.12 -5.15 18.21
N SCN U . 7.23 -4.28 18.91
#